data_1T26
#
_entry.id   1T26
#
_cell.length_a   80.625
_cell.length_b   86.631
_cell.length_c   91.584
_cell.angle_alpha   90.000
_cell.angle_beta   90.000
_cell.angle_gamma   90.000
#
_symmetry.space_group_name_H-M   'I 2 2 2'
#
loop_
_entity.id
_entity.type
_entity.pdbx_description
1 polymer 'L-lactate dehydrogenase'
2 non-polymer '1,4-DIHYDRONICOTINAMIDE ADENINE DINUCLEOTIDE'
3 non-polymer '4-HYDROXY-1,2,5-THIADIAZOLE-3-CARBOXYLIC ACID'
4 water water
#
_entity_poly.entity_id   1
_entity_poly.type   'polypeptide(L)'
_entity_poly.pdbx_seq_one_letter_code
;MAPKAKIVLVGSGMIGGVMATLIVQKNLGDVVLFDIVKNMPHGKALDTSHTNVMAYSNCKVSGSNTYDDLAGADVVIVTA
GFTKAPGKSDKEWNRDDLLPLNNKIMIEIGGHIKKNCPNAFIIVVTNPVDVMVQLLHQHSGVPKNKIIGLGGVLDTSRLK
YYISQKLNVCPRDVNAHIVGAHGNKMVLLKRYITVGGIPLQEFINNKLISDAELEAIFDRTVNTALEIVNLHASPYVAPA
AAIIEMAESYLKDLKKVLICSTLLEGQYGHSDIFGGTPVVLGANGVEQVIELQLNSEEKAKFDEAIAETKRMKALAHHHH
HH
;
_entity_poly.pdbx_strand_id   A
#
loop_
_chem_comp.id
_chem_comp.type
_chem_comp.name
_chem_comp.formula
GBD non-polymer '4-HYDROXY-1,2,5-THIADIAZOLE-3-CARBOXYLIC ACID' 'C3 H2 N2 O3 S'
NAI non-polymer '1,4-DIHYDRONICOTINAMIDE ADENINE DINUCLEOTIDE' 'C21 H29 N7 O14 P2'
#
# COMPACT_ATOMS: atom_id res chain seq x y z
N PRO A 3 -14.62 6.98 -21.90
CA PRO A 3 -13.17 7.21 -22.15
C PRO A 3 -12.32 6.58 -21.06
N LYS A 4 -11.09 6.23 -21.42
CA LYS A 4 -10.19 5.58 -20.49
C LYS A 4 -9.96 6.39 -19.22
N ALA A 5 -9.74 5.69 -18.11
CA ALA A 5 -9.35 6.36 -16.87
C ALA A 5 -7.97 6.96 -17.05
N LYS A 6 -7.69 8.04 -16.32
CA LYS A 6 -6.38 8.67 -16.33
C LYS A 6 -5.74 8.38 -14.98
N ILE A 7 -4.58 7.72 -15.00
CA ILE A 7 -3.91 7.33 -13.75
C ILE A 7 -2.59 8.05 -13.63
N VAL A 8 -2.45 8.91 -12.63
CA VAL A 8 -1.21 9.67 -12.48
C VAL A 8 -0.35 9.10 -11.35
N LEU A 9 0.87 8.72 -11.71
CA LEU A 9 1.78 8.17 -10.75
C LEU A 9 2.69 9.32 -10.30
N VAL A 10 2.44 9.83 -9.10
CA VAL A 10 3.25 10.93 -8.55
C VAL A 10 4.45 10.28 -7.88
N GLY A 11 5.54 10.23 -8.64
CA GLY A 11 6.76 9.51 -8.28
C GLY A 11 6.98 8.44 -9.35
N SER A 12 8.11 8.51 -10.05
CA SER A 12 8.41 7.59 -11.14
C SER A 12 9.66 6.76 -10.90
N GLY A 13 9.86 6.34 -9.65
CA GLY A 13 11.04 5.55 -9.29
C GLY A 13 10.79 4.07 -9.52
N MET A 14 11.31 3.22 -8.62
CA MET A 14 11.19 1.78 -8.82
C MET A 14 9.75 1.28 -8.77
N ILE A 15 8.99 1.68 -7.75
CA ILE A 15 7.60 1.22 -7.65
C ILE A 15 6.78 1.81 -8.80
N GLY A 16 6.99 3.08 -9.11
CA GLY A 16 6.28 3.70 -10.21
C GLY A 16 6.49 2.97 -11.53
N GLY A 17 7.71 2.51 -11.79
CA GLY A 17 7.98 1.80 -13.02
C GLY A 17 7.24 0.48 -13.14
N VAL A 18 7.19 -0.29 -12.06
CA VAL A 18 6.48 -1.57 -12.09
C VAL A 18 4.97 -1.32 -12.26
N MET A 19 4.47 -0.29 -11.57
CA MET A 19 3.05 0.06 -11.69
C MET A 19 2.66 0.39 -13.12
N ALA A 20 3.46 1.21 -13.81
CA ALA A 20 3.17 1.56 -15.20
C ALA A 20 3.14 0.31 -16.07
N THR A 21 4.12 -0.57 -15.86
CA THR A 21 4.18 -1.82 -16.60
C THR A 21 2.93 -2.67 -16.40
N LEU A 22 2.47 -2.78 -15.15
CA LEU A 22 1.33 -3.63 -14.82
C LEU A 22 0.04 -3.01 -15.35
N ILE A 23 -0.03 -1.69 -15.34
CA ILE A 23 -1.22 -1.02 -15.86
C ILE A 23 -1.41 -1.31 -17.36
N VAL A 24 -0.31 -1.27 -18.12
CA VAL A 24 -0.38 -1.59 -19.54
C VAL A 24 -0.73 -3.07 -19.73
N GLN A 25 -0.13 -3.95 -18.94
CA GLN A 25 -0.44 -5.39 -19.06
C GLN A 25 -1.93 -5.67 -18.88
N LYS A 26 -2.54 -4.93 -17.97
CA LYS A 26 -3.96 -5.11 -17.64
C LYS A 26 -4.89 -4.15 -18.38
N ASN A 27 -4.32 -3.31 -19.25
CA ASN A 27 -5.09 -2.30 -20.00
C ASN A 27 -6.00 -1.45 -19.09
N LEU A 28 -5.48 -1.02 -17.95
CA LEU A 28 -6.31 -0.35 -16.93
C LEU A 28 -6.67 1.11 -17.20
N GLY A 29 -5.82 1.82 -17.94
CA GLY A 29 -6.05 3.21 -18.27
C GLY A 29 -4.79 3.91 -18.76
N ASP A 30 -4.94 5.16 -19.20
CA ASP A 30 -3.78 5.97 -19.57
C ASP A 30 -2.92 6.25 -18.34
N VAL A 31 -1.60 6.33 -18.54
CA VAL A 31 -0.67 6.53 -17.42
C VAL A 31 0.19 7.77 -17.59
N VAL A 32 0.32 8.55 -16.52
CA VAL A 32 1.30 9.63 -16.49
C VAL A 32 2.35 9.30 -15.43
N LEU A 33 3.61 9.21 -15.83
CA LEU A 33 4.71 9.04 -14.90
C LEU A 33 5.24 10.45 -14.58
N PHE A 34 4.89 10.94 -13.40
CA PHE A 34 5.34 12.27 -12.95
C PHE A 34 6.49 12.16 -11.96
N ASP A 35 7.48 13.06 -12.08
CA ASP A 35 8.60 13.07 -11.15
C ASP A 35 9.25 14.44 -11.19
N ILE A 36 10.05 14.75 -10.17
CA ILE A 36 10.79 16.02 -10.16
C ILE A 36 12.11 15.91 -10.94
N VAL A 37 12.58 14.67 -11.13
CA VAL A 37 13.79 14.40 -11.89
C VAL A 37 13.56 14.68 -13.38
N LYS A 38 14.41 15.51 -13.98
CA LYS A 38 14.27 15.86 -15.39
C LYS A 38 14.50 14.66 -16.33
N ASN A 39 13.65 14.59 -17.35
CA ASN A 39 13.75 13.60 -18.44
C ASN A 39 13.50 12.13 -18.11
N MET A 40 14.00 11.65 -16.97
CA MET A 40 13.83 10.24 -16.59
C MET A 40 12.42 9.67 -16.79
N PRO A 41 11.37 10.35 -16.32
CA PRO A 41 10.00 9.83 -16.52
C PRO A 41 9.66 9.67 -17.99
N HIS A 42 10.13 10.59 -18.84
CA HIS A 42 9.89 10.50 -20.28
C HIS A 42 10.55 9.24 -20.86
N GLY A 43 11.74 8.92 -20.37
CA GLY A 43 12.45 7.75 -20.83
C GLY A 43 11.74 6.46 -20.45
N LYS A 44 11.33 6.35 -19.18
CA LYS A 44 10.60 5.16 -18.72
C LYS A 44 9.26 5.03 -19.43
N ALA A 45 8.59 6.16 -19.63
CA ALA A 45 7.30 6.16 -20.33
C ALA A 45 7.45 5.62 -21.76
N LEU A 46 8.48 6.10 -22.46
CA LEU A 46 8.72 5.65 -23.83
C LEU A 46 8.93 4.14 -23.89
N ASP A 47 9.87 3.64 -23.10
CA ASP A 47 10.12 2.20 -22.99
C ASP A 47 8.83 1.42 -22.72
N THR A 48 8.09 1.86 -21.71
CA THR A 48 6.87 1.16 -21.31
C THR A 48 5.79 1.20 -22.39
N SER A 49 5.69 2.32 -23.10
CA SER A 49 4.64 2.46 -24.10
C SER A 49 4.70 1.36 -25.18
N HIS A 50 5.89 0.91 -25.53
CA HIS A 50 6.02 -0.10 -26.58
C HIS A 50 5.36 -1.43 -26.25
N THR A 51 5.22 -1.73 -24.95
CA THR A 51 4.62 -3.00 -24.52
C THR A 51 3.15 -3.12 -24.85
N ASN A 52 2.52 -2.01 -25.24
CA ASN A 52 1.13 -2.07 -25.69
C ASN A 52 1.01 -3.10 -26.81
N VAL A 53 2.05 -3.19 -27.65
CA VAL A 53 2.03 -4.15 -28.74
C VAL A 53 1.97 -5.59 -28.24
N MET A 54 2.95 -5.97 -27.41
CA MET A 54 3.02 -7.31 -26.85
C MET A 54 1.80 -7.65 -25.97
N ALA A 55 1.21 -6.64 -25.33
CA ALA A 55 0.11 -6.85 -24.39
C ALA A 55 -1.30 -6.81 -24.99
N TYR A 56 -1.41 -6.43 -26.26
CA TYR A 56 -2.70 -6.25 -26.94
C TYR A 56 -3.52 -5.17 -26.25
N SER A 57 -2.84 -4.14 -25.77
CA SER A 57 -3.49 -3.07 -25.05
C SER A 57 -3.46 -1.76 -25.81
N ASN A 58 -4.12 -0.75 -25.25
CA ASN A 58 -4.12 0.57 -25.86
C ASN A 58 -4.15 1.65 -24.78
N CYS A 59 -3.08 1.72 -23.99
CA CYS A 59 -2.94 2.71 -22.93
C CYS A 59 -1.80 3.67 -23.23
N LYS A 60 -2.10 4.96 -23.25
CA LYS A 60 -1.03 5.94 -23.42
C LYS A 60 -0.15 5.92 -22.18
N VAL A 61 1.15 6.08 -22.37
CA VAL A 61 2.08 6.21 -21.26
C VAL A 61 2.96 7.42 -21.55
N SER A 62 2.84 8.43 -20.70
CA SER A 62 3.57 9.67 -20.89
C SER A 62 4.31 10.08 -19.63
N GLY A 63 5.44 10.76 -19.80
CA GLY A 63 6.21 11.27 -18.69
C GLY A 63 5.80 12.71 -18.42
N SER A 64 6.12 13.20 -17.22
CA SER A 64 5.80 14.57 -16.86
C SER A 64 6.70 15.15 -15.77
N ASN A 65 7.03 16.42 -15.92
CA ASN A 65 7.73 17.17 -14.88
C ASN A 65 6.85 18.34 -14.45
N THR A 66 5.56 18.29 -14.78
CA THR A 66 4.65 19.41 -14.51
C THR A 66 3.48 19.00 -13.63
N TYR A 67 3.40 19.59 -12.44
CA TYR A 67 2.34 19.27 -11.49
C TYR A 67 0.93 19.41 -12.08
N ASP A 68 0.70 20.38 -12.96
CA ASP A 68 -0.67 20.57 -13.46
C ASP A 68 -1.14 19.43 -14.38
N ASP A 69 -0.25 18.50 -14.71
CA ASP A 69 -0.69 17.32 -15.46
C ASP A 69 -1.57 16.42 -14.59
N LEU A 70 -1.77 16.82 -13.34
CA LEU A 70 -2.69 16.10 -12.47
C LEU A 70 -4.12 16.39 -12.89
N ALA A 71 -4.30 17.45 -13.66
CA ALA A 71 -5.65 17.79 -14.12
C ALA A 71 -6.33 16.59 -14.80
N GLY A 72 -7.57 16.32 -14.43
CA GLY A 72 -8.34 15.24 -15.04
C GLY A 72 -8.02 13.85 -14.53
N ALA A 73 -7.16 13.76 -13.52
CA ALA A 73 -6.79 12.47 -12.95
C ALA A 73 -7.97 11.75 -12.31
N ASP A 74 -8.12 10.45 -12.61
CA ASP A 74 -9.17 9.66 -11.97
C ASP A 74 -8.61 8.94 -10.75
N VAL A 75 -7.35 8.53 -10.85
CA VAL A 75 -6.65 7.89 -9.75
C VAL A 75 -5.27 8.50 -9.66
N VAL A 76 -4.82 8.81 -8.43
CA VAL A 76 -3.49 9.34 -8.17
C VAL A 76 -2.77 8.42 -7.19
N ILE A 77 -1.58 7.95 -7.56
CA ILE A 77 -0.80 7.06 -6.69
C ILE A 77 0.50 7.74 -6.28
N VAL A 78 0.67 7.93 -4.98
CA VAL A 78 1.80 8.69 -4.47
C VAL A 78 2.93 7.86 -3.85
N THR A 79 4.05 7.75 -4.59
CA THR A 79 5.26 7.10 -4.08
C THR A 79 6.41 8.10 -3.88
N ALA A 80 6.16 9.37 -4.21
CA ALA A 80 7.17 10.42 -4.08
C ALA A 80 7.79 10.47 -2.69
N GLY A 81 9.12 10.59 -2.63
CA GLY A 81 9.82 10.68 -1.36
C GLY A 81 11.15 9.95 -1.31
N PHE A 82 11.65 9.76 -0.08
CA PHE A 82 12.93 9.10 0.19
C PHE A 82 12.73 7.62 0.53
N THR A 83 13.70 6.79 0.19
CA THR A 83 13.63 5.37 0.49
C THR A 83 14.51 5.02 1.70
N LYS A 84 15.49 5.87 1.96
CA LYS A 84 16.41 5.68 3.08
C LYS A 84 16.98 7.04 3.47
N ALA A 85 17.01 7.07 4.94
CA ALA A 85 17.77 8.17 5.56
C ALA A 85 19.19 8.21 5.02
N PRO A 86 19.45 9.26 4.20
CA PRO A 86 20.80 9.46 3.68
C PRO A 86 21.82 9.51 4.80
N GLY A 87 22.38 8.34 5.13
CA GLY A 87 23.38 8.30 6.19
C GLY A 87 23.31 7.03 7.00
N LYS A 88 22.11 6.42 7.01
CA LYS A 88 21.96 5.15 7.71
C LYS A 88 22.14 3.95 6.82
N SER A 89 22.86 3.04 7.45
CA SER A 89 23.22 1.74 6.89
C SER A 89 21.97 0.92 6.55
N ASP A 90 22.14 -0.17 5.79
CA ASP A 90 21.01 -1.02 5.42
C ASP A 90 20.56 -1.90 6.59
N LYS A 91 21.50 -2.19 7.49
CA LYS A 91 21.22 -2.96 8.70
C LYS A 91 20.18 -2.27 9.59
N GLU A 92 20.31 -0.95 9.71
CA GLU A 92 19.50 -0.10 10.60
C GLU A 92 18.46 0.78 9.87
N TRP A 93 17.59 0.16 9.09
CA TRP A 93 16.62 0.87 8.25
C TRP A 93 15.27 1.13 9.00
N ASN A 94 15.01 1.51 8.81
CA ASN A 94 13.75 1.68 9.52
C ASN A 94 12.87 2.75 8.84
N ARG A 95 11.53 2.48 8.65
CA ARG A 95 10.60 3.38 7.98
C ARG A 95 10.44 4.69 8.77
N ASP A 96 10.62 4.61 10.08
CA ASP A 96 10.46 5.78 10.93
C ASP A 96 11.40 6.90 10.53
N ASP A 97 12.59 6.53 10.07
CA ASP A 97 13.62 7.50 9.70
C ASP A 97 13.32 8.24 8.42
N LEU A 98 12.30 7.79 7.69
CA LEU A 98 11.90 8.43 6.44
C LEU A 98 10.98 9.62 6.70
N LEU A 99 10.51 9.71 7.95
CA LEU A 99 9.58 10.76 8.35
C LEU A 99 9.99 12.19 7.99
N PRO A 100 11.16 12.61 8.46
CA PRO A 100 11.64 13.98 8.21
C PRO A 100 11.90 14.25 6.74
N LEU A 101 12.12 13.18 5.98
CA LEU A 101 12.47 13.28 4.58
C LEU A 101 11.27 13.42 3.65
N ASN A 102 10.13 12.85 4.06
CA ASN A 102 8.93 12.82 3.20
C ASN A 102 7.75 13.71 3.58
N ASN A 103 7.81 14.38 4.73
CA ASN A 103 6.66 15.16 5.19
C ASN A 103 6.22 16.35 4.33
N LYS A 104 7.15 17.26 4.03
CA LYS A 104 6.89 18.47 3.25
C LYS A 104 6.37 18.16 1.83
N ILE A 105 6.77 16.99 1.35
CA ILE A 105 6.40 16.51 0.03
C ILE A 105 4.89 16.21 -0.06
N MET A 106 4.32 15.66 1.00
CA MET A 106 2.87 15.40 1.02
C MET A 106 2.06 16.69 0.98
N ILE A 107 2.54 17.71 1.68
CA ILE A 107 1.85 18.99 1.70
C ILE A 107 1.80 19.61 0.31
N GLU A 108 2.96 19.62 -0.36
CA GLU A 108 3.05 20.16 -1.71
C GLU A 108 2.15 19.41 -2.67
N ILE A 109 2.19 18.08 -2.61
CA ILE A 109 1.36 17.27 -3.50
C ILE A 109 -0.12 17.49 -3.21
N GLY A 110 -0.47 17.56 -1.93
CA GLY A 110 -1.86 17.81 -1.56
C GLY A 110 -2.45 19.08 -2.14
N GLY A 111 -1.69 20.16 -2.12
CA GLY A 111 -2.16 21.41 -2.69
C GLY A 111 -2.47 21.29 -4.18
N HIS A 112 -1.61 20.59 -4.90
CA HIS A 112 -1.80 20.39 -6.33
C HIS A 112 -2.99 19.49 -6.63
N ILE A 113 -3.24 18.50 -5.77
CA ILE A 113 -4.42 17.66 -5.94
C ILE A 113 -5.70 18.47 -5.70
N LYS A 114 -5.71 19.31 -4.67
CA LYS A 114 -6.90 20.07 -4.35
C LYS A 114 -7.27 20.97 -5.53
N LYS A 115 -6.26 21.53 -6.16
CA LYS A 115 -6.45 22.45 -7.27
C LYS A 115 -6.81 21.72 -8.58
N ASN A 116 -6.09 20.65 -8.88
CA ASN A 116 -6.22 19.97 -10.18
C ASN A 116 -7.20 18.80 -10.30
N CYS A 117 -7.31 18.00 -9.25
CA CYS A 117 -8.16 16.81 -9.33
C CYS A 117 -8.82 16.46 -7.99
N PRO A 118 -9.61 17.37 -7.46
CA PRO A 118 -10.26 17.16 -6.15
C PRO A 118 -11.18 15.93 -6.11
N ASN A 119 -11.59 15.42 -7.27
CA ASN A 119 -12.47 14.25 -7.29
C ASN A 119 -11.76 12.92 -7.56
N ALA A 120 -10.43 12.96 -7.58
CA ALA A 120 -9.64 11.74 -7.81
C ALA A 120 -9.62 10.79 -6.61
N PHE A 121 -9.35 9.51 -6.88
CA PHE A 121 -9.20 8.52 -5.80
C PHE A 121 -7.70 8.45 -5.57
N ILE A 122 -7.28 8.58 -4.32
CA ILE A 122 -5.87 8.67 -3.98
C ILE A 122 -5.35 7.44 -3.22
N ILE A 123 -4.19 6.93 -3.64
CA ILE A 123 -3.51 5.85 -2.92
C ILE A 123 -2.14 6.38 -2.54
N VAL A 124 -1.85 6.37 -1.23
CA VAL A 124 -0.59 6.86 -0.71
C VAL A 124 0.33 5.69 -0.35
N VAL A 125 1.59 5.78 -0.74
CA VAL A 125 2.57 4.72 -0.51
C VAL A 125 3.74 5.17 0.35
N THR A 126 4.15 6.42 0.18
CA THR A 126 5.28 6.99 0.91
C THR A 126 5.30 6.69 2.40
N ASN A 127 6.45 6.25 2.93
CA ASN A 127 6.55 5.91 4.35
C ASN A 127 6.97 7.05 5.28
N PRO A 128 6.56 7.00 6.55
CA PRO A 128 5.71 5.94 7.11
C PRO A 128 4.27 6.16 6.68
N VAL A 129 3.74 5.18 5.96
CA VAL A 129 2.47 5.35 5.26
C VAL A 129 1.24 5.77 6.08
N ASP A 130 1.09 5.26 7.30
CA ASP A 130 -0.11 5.60 8.07
C ASP A 130 -0.10 7.07 8.52
N VAL A 131 1.09 7.63 8.64
CA VAL A 131 1.26 9.05 8.91
C VAL A 131 1.05 9.88 7.63
N MET A 132 1.79 9.54 6.58
CA MET A 132 1.77 10.29 5.32
C MET A 132 0.40 10.33 4.68
N VAL A 133 -0.38 9.25 4.79
CA VAL A 133 -1.70 9.23 4.19
C VAL A 133 -2.63 10.26 4.84
N GLN A 134 -2.58 10.38 6.17
CA GLN A 134 -3.45 11.34 6.86
C GLN A 134 -3.04 12.77 6.55
N LEU A 135 -1.73 12.99 6.47
CA LEU A 135 -1.23 14.31 6.12
C LEU A 135 -1.73 14.71 4.73
N LEU A 136 -1.66 13.78 3.78
CA LEU A 136 -2.13 14.07 2.42
C LEU A 136 -3.64 14.28 2.42
N HIS A 137 -4.35 13.51 3.24
CA HIS A 137 -5.80 13.68 3.36
C HIS A 137 -6.12 15.12 3.81
N GLN A 138 -5.42 15.58 4.84
CA GLN A 138 -5.70 16.90 5.40
C GLN A 138 -5.39 18.03 4.41
N HIS A 139 -4.32 17.87 3.63
CA HIS A 139 -3.91 18.95 2.72
C HIS A 139 -4.54 18.92 1.33
N SER A 140 -5.08 17.77 0.91
CA SER A 140 -5.70 17.65 -0.39
C SER A 140 -7.19 17.99 -0.33
N GLY A 141 -7.76 17.88 0.86
CA GLY A 141 -9.17 18.16 1.05
C GLY A 141 -10.15 17.14 0.52
N VAL A 142 -9.66 15.99 0.07
CA VAL A 142 -10.56 14.97 -0.48
C VAL A 142 -11.38 14.27 0.60
N PRO A 143 -12.56 13.75 0.24
CA PRO A 143 -13.40 13.02 1.20
C PRO A 143 -12.69 11.78 1.74
N LYS A 144 -13.06 11.37 2.96
CA LYS A 144 -12.42 10.24 3.64
C LYS A 144 -12.59 8.93 2.86
N ASN A 145 -13.65 8.82 2.07
CA ASN A 145 -13.85 7.61 1.27
C ASN A 145 -13.01 7.60 -0.01
N LYS A 146 -12.23 8.66 -0.24
CA LYS A 146 -11.44 8.74 -1.48
C LYS A 146 -9.92 8.66 -1.32
N ILE A 147 -9.43 8.34 -0.13
CA ILE A 147 -7.97 8.21 0.03
C ILE A 147 -7.65 7.08 0.96
N ILE A 148 -6.68 6.24 0.58
CA ILE A 148 -6.25 5.11 1.41
C ILE A 148 -4.74 4.98 1.30
N GLY A 149 -4.16 4.18 2.20
CA GLY A 149 -2.72 3.94 2.16
C GLY A 149 -2.40 2.47 1.96
N LEU A 150 -1.27 2.19 1.31
CA LEU A 150 -0.83 0.81 1.13
C LEU A 150 -0.29 0.24 2.45
N GLY A 151 -0.67 -0.99 2.75
CA GLY A 151 -0.15 -1.68 3.92
C GLY A 151 -0.51 -3.17 3.93
N GLY A 152 -1.72 -3.47 4.38
CA GLY A 152 -2.14 -4.87 4.58
C GLY A 152 -2.12 -5.80 3.38
N VAL A 153 -2.44 -5.30 2.18
CA VAL A 153 -2.41 -6.18 1.01
C VAL A 153 -0.97 -6.67 0.82
N LEU A 154 -0.02 -5.76 1.00
CA LEU A 154 1.40 -6.12 0.85
C LEU A 154 1.88 -7.00 2.00
N ASP A 155 1.63 -6.59 3.24
CA ASP A 155 2.09 -7.38 4.38
C ASP A 155 1.48 -8.79 4.36
N THR A 156 0.18 -8.89 4.12
CA THR A 156 -0.42 -10.23 4.10
C THR A 156 0.01 -11.10 2.93
N SER A 157 0.44 -10.50 1.81
CA SER A 157 0.88 -11.31 0.68
C SER A 157 2.06 -12.19 1.09
N ARG A 158 2.90 -11.64 1.95
CA ARG A 158 4.07 -12.36 2.43
C ARG A 158 3.65 -13.49 3.36
N LEU A 159 2.80 -13.18 4.34
CA LEU A 159 2.30 -14.19 5.27
C LEU A 159 1.57 -15.31 4.54
N LYS A 160 0.66 -14.93 3.63
CA LYS A 160 -0.08 -15.90 2.82
C LYS A 160 0.88 -16.76 1.99
N TYR A 161 1.84 -16.11 1.33
CA TYR A 161 2.78 -16.85 0.49
C TYR A 161 3.60 -17.89 1.27
N TYR A 162 4.22 -17.45 2.36
CA TYR A 162 5.07 -18.33 3.19
C TYR A 162 4.31 -19.54 3.71
N ILE A 163 3.06 -19.34 4.14
CA ILE A 163 2.25 -20.46 4.63
C ILE A 163 1.89 -21.39 3.46
N SER A 164 1.58 -20.82 2.30
CA SER A 164 1.21 -21.66 1.14
C SER A 164 2.36 -22.56 0.70
N GLN A 165 3.58 -22.07 0.88
CA GLN A 165 4.77 -22.84 0.52
C GLN A 165 4.91 -24.06 1.41
N LYS A 166 4.67 -23.87 2.70
CA LYS A 166 4.76 -24.97 3.67
C LYS A 166 3.67 -26.00 3.45
N LEU A 167 2.45 -25.53 3.17
CA LEU A 167 1.31 -26.44 3.01
C LEU A 167 1.10 -26.99 1.60
N ASN A 168 1.86 -26.48 0.64
CA ASN A 168 1.79 -26.91 -0.77
C ASN A 168 0.40 -26.70 -1.37
N VAL A 169 -0.13 -25.51 -1.19
CA VAL A 169 -1.42 -25.13 -1.78
C VAL A 169 -1.26 -23.80 -2.54
N CYS A 170 -2.26 -23.47 -3.35
CA CYS A 170 -2.24 -22.24 -4.13
C CYS A 170 -2.13 -21.01 -3.21
N PRO A 171 -1.16 -20.13 -3.45
CA PRO A 171 -0.99 -18.96 -2.58
C PRO A 171 -2.28 -18.19 -2.26
N ARG A 172 -3.12 -17.92 -3.26
CA ARG A 172 -4.37 -17.19 -3.07
C ARG A 172 -5.35 -17.91 -2.14
N ASP A 173 -5.17 -19.23 -1.97
CA ASP A 173 -6.05 -19.98 -1.09
C ASP A 173 -5.78 -19.76 0.40
N VAL A 174 -4.66 -19.12 0.72
CA VAL A 174 -4.40 -18.77 2.12
C VAL A 174 -4.92 -17.34 2.31
N ASN A 175 -5.74 -17.11 3.34
CA ASN A 175 -6.21 -15.76 3.62
C ASN A 175 -5.77 -15.39 5.03
N ALA A 176 -5.44 -14.12 5.25
CA ALA A 176 -4.89 -13.72 6.54
C ALA A 176 -5.05 -12.22 6.73
N HIS A 177 -4.96 -11.78 7.98
CA HIS A 177 -5.14 -10.37 8.32
C HIS A 177 -4.01 -9.78 9.15
N ILE A 178 -3.50 -8.64 8.69
CA ILE A 178 -2.50 -7.89 9.43
C ILE A 178 -3.04 -6.47 9.47
N VAL A 179 -3.12 -5.91 10.68
CA VAL A 179 -3.80 -4.63 10.88
C VAL A 179 -3.04 -3.63 11.75
N GLY A 180 -3.66 -2.49 11.97
CA GLY A 180 -3.10 -1.46 12.84
C GLY A 180 -2.23 -0.45 12.09
N ALA A 181 -1.04 -0.91 11.68
CA ALA A 181 -0.13 -0.07 10.94
C ALA A 181 0.82 -0.89 10.08
N HIS A 182 1.37 -0.26 9.05
CA HIS A 182 2.39 -0.86 8.19
C HIS A 182 3.77 -0.45 8.72
N GLY A 183 4.47 -1.39 9.32
CA GLY A 183 5.77 -1.13 9.92
C GLY A 183 6.03 -2.21 10.96
N ASN A 184 7.04 -2.01 11.81
CA ASN A 184 7.42 -3.03 12.78
C ASN A 184 6.36 -3.35 13.85
N LYS A 185 5.35 -2.51 13.98
CA LYS A 185 4.27 -2.76 14.94
C LYS A 185 3.05 -3.40 14.29
N MET A 186 3.19 -3.83 13.04
CA MET A 186 2.07 -4.46 12.35
C MET A 186 1.52 -5.59 13.24
N VAL A 187 0.20 -5.75 13.25
CA VAL A 187 -0.44 -6.75 14.10
C VAL A 187 -0.86 -7.99 13.32
N LEU A 188 -0.17 -9.10 13.55
CA LEU A 188 -0.50 -10.35 12.83
C LEU A 188 -1.55 -11.12 13.63
N LEU A 189 -2.71 -11.38 13.02
CA LEU A 189 -3.81 -12.03 13.70
C LEU A 189 -3.87 -13.53 13.37
N LYS A 190 -3.19 -14.32 14.19
CA LYS A 190 -3.16 -15.79 14.01
C LYS A 190 -4.53 -16.43 13.93
N ARG A 191 -5.46 -15.92 14.74
CA ARG A 191 -6.83 -16.44 14.83
C ARG A 191 -7.63 -16.32 13.52
N TYR A 192 -7.24 -15.35 12.70
CA TYR A 192 -7.93 -15.06 11.45
C TYR A 192 -7.21 -15.60 10.22
N ILE A 193 -6.42 -16.67 10.35
CA ILE A 193 -5.81 -17.26 9.17
C ILE A 193 -6.63 -18.48 8.73
N THR A 194 -6.85 -18.60 7.42
CA THR A 194 -7.57 -19.74 6.85
C THR A 194 -6.83 -20.29 5.64
N VAL A 195 -7.11 -21.56 5.32
CA VAL A 195 -6.51 -22.19 4.16
C VAL A 195 -7.67 -22.84 3.43
N GLY A 196 -7.95 -22.37 2.22
CA GLY A 196 -9.11 -22.84 1.50
C GLY A 196 -10.39 -22.57 2.28
N GLY A 197 -10.40 -21.49 3.08
CA GLY A 197 -11.55 -21.13 3.91
C GLY A 197 -11.67 -21.88 5.22
N ILE A 198 -10.71 -22.74 5.49
CA ILE A 198 -10.67 -23.57 6.69
C ILE A 198 -9.74 -22.96 7.72
N PRO A 199 -10.13 -22.93 8.99
CA PRO A 199 -9.25 -22.37 10.03
C PRO A 199 -7.88 -23.04 10.02
N LEU A 200 -6.83 -22.23 10.07
CA LEU A 200 -5.46 -22.74 10.10
C LEU A 200 -5.25 -23.69 11.29
N GLN A 201 -5.98 -23.46 12.38
CA GLN A 201 -5.83 -24.31 13.56
C GLN A 201 -6.07 -25.80 13.26
N GLU A 202 -6.93 -26.09 12.29
CA GLU A 202 -7.17 -27.50 11.93
C GLU A 202 -5.91 -28.14 11.35
N PHE A 203 -5.15 -27.36 10.60
CA PHE A 203 -3.89 -27.84 10.00
C PHE A 203 -2.81 -27.97 11.07
N ILE A 204 -2.91 -27.14 12.11
CA ILE A 204 -1.98 -27.24 13.24
C ILE A 204 -2.31 -28.50 14.04
N ASN A 205 -3.60 -28.75 14.26
CA ASN A 205 -4.05 -29.95 14.98
C ASN A 205 -3.59 -31.23 14.28
N ASN A 206 -3.58 -31.18 12.94
CA ASN A 206 -3.17 -32.32 12.12
C ASN A 206 -1.66 -32.43 11.90
N LYS A 207 -0.90 -31.58 12.59
CA LYS A 207 0.57 -31.55 12.47
C LYS A 207 1.08 -31.29 11.05
N LEU A 208 0.27 -30.63 10.23
CA LEU A 208 0.68 -30.28 8.86
C LEU A 208 1.56 -29.04 8.89
N ILE A 209 1.40 -28.24 9.95
CA ILE A 209 2.23 -27.07 10.22
C ILE A 209 2.17 -26.86 11.72
N SER A 210 3.30 -26.54 12.34
CA SER A 210 3.33 -26.37 13.79
C SER A 210 3.26 -24.91 14.24
N ASP A 211 2.91 -24.71 15.50
CA ASP A 211 2.88 -23.38 16.09
C ASP A 211 4.26 -22.72 16.01
N ALA A 212 5.31 -23.50 16.26
CA ALA A 212 6.67 -22.98 16.18
C ALA A 212 7.01 -22.53 14.76
N GLU A 213 6.59 -23.31 13.76
CA GLU A 213 6.84 -22.93 12.37
C GLU A 213 6.11 -21.63 12.05
N LEU A 214 4.91 -21.46 12.61
CA LEU A 214 4.12 -20.27 12.35
C LEU A 214 4.78 -19.06 13.00
N GLU A 215 5.34 -19.23 14.20
CA GLU A 215 6.02 -18.11 14.85
C GLU A 215 7.17 -17.59 13.99
N ALA A 216 7.90 -18.52 13.37
CA ALA A 216 9.03 -18.16 12.53
C ALA A 216 8.55 -17.43 11.28
N ILE A 217 7.45 -17.91 10.70
CA ILE A 217 6.85 -17.25 9.53
C ILE A 217 6.38 -15.83 9.93
N PHE A 218 5.80 -15.69 11.12
CA PHE A 218 5.36 -14.39 11.59
C PHE A 218 6.54 -13.42 11.66
N ASP A 219 7.64 -13.86 12.27
CA ASP A 219 8.81 -13.01 12.36
C ASP A 219 9.35 -12.66 10.96
N ARG A 220 9.33 -13.64 10.07
CA ARG A 220 9.87 -13.40 8.74
C ARG A 220 9.03 -12.36 8.03
N THR A 221 7.72 -12.42 8.28
CA THR A 221 6.78 -11.52 7.64
C THR A 221 7.05 -10.07 8.04
N VAL A 222 7.18 -9.83 9.34
CA VAL A 222 7.45 -8.47 9.85
C VAL A 222 8.77 -7.93 9.30
N ASN A 223 9.78 -8.80 9.23
CA ASN A 223 11.10 -8.39 8.77
C ASN A 223 11.42 -8.57 7.29
N THR A 224 10.40 -8.82 6.47
CA THR A 224 10.65 -9.08 5.05
C THR A 224 11.35 -7.93 4.31
N ALA A 225 10.88 -6.70 4.51
CA ALA A 225 11.51 -5.56 3.83
C ALA A 225 12.99 -5.54 4.17
N LEU A 226 13.29 -5.76 5.45
CA LEU A 226 14.68 -5.79 5.90
C LEU A 226 15.46 -6.94 5.28
N GLU A 227 14.84 -8.11 5.18
CA GLU A 227 15.49 -9.28 4.60
C GLU A 227 15.91 -9.00 3.15
N ILE A 228 15.03 -8.34 2.41
CA ILE A 228 15.28 -8.04 1.01
C ILE A 228 16.39 -7.00 0.84
N VAL A 229 16.38 -5.98 1.69
CA VAL A 229 17.42 -4.97 1.67
C VAL A 229 18.79 -5.58 2.01
N ASN A 230 18.81 -6.50 2.97
CA ASN A 230 20.06 -7.15 3.33
C ASN A 230 20.54 -8.09 2.23
N LEU A 231 19.69 -8.27 1.21
CA LEU A 231 20.03 -9.10 0.06
C LEU A 231 20.14 -8.30 -1.24
N HIS A 232 19.44 -7.16 -1.35
CA HIS A 232 19.31 -6.40 -2.61
C HIS A 232 18.99 -4.91 -2.48
N ALA A 233 17.71 -4.58 -2.29
CA ALA A 233 17.28 -3.19 -2.22
C ALA A 233 15.87 -3.06 -1.69
N SER A 234 15.40 -1.82 -1.55
CA SER A 234 14.05 -1.61 -1.09
C SER A 234 13.11 -2.41 -1.98
N PRO A 235 12.16 -3.12 -1.39
CA PRO A 235 11.17 -3.89 -2.15
C PRO A 235 10.38 -3.01 -3.09
N TYR A 236 10.13 -3.46 -4.32
CA TYR A 236 9.33 -2.67 -5.27
C TYR A 236 8.37 -3.46 -6.12
N VAL A 237 8.67 -4.71 -6.41
CA VAL A 237 7.78 -5.51 -7.24
C VAL A 237 6.47 -5.89 -6.56
N ALA A 238 6.55 -6.45 -5.35
CA ALA A 238 5.31 -6.81 -4.65
C ALA A 238 4.51 -5.58 -4.20
N PRO A 239 5.17 -4.55 -3.68
CA PRO A 239 4.45 -3.31 -3.38
C PRO A 239 3.63 -2.82 -4.59
N ALA A 240 4.26 -2.82 -5.76
CA ALA A 240 3.57 -2.35 -6.96
C ALA A 240 2.35 -3.22 -7.29
N ALA A 241 2.52 -4.54 -7.24
CA ALA A 241 1.42 -5.44 -7.51
C ALA A 241 0.28 -5.23 -6.50
N ALA A 242 0.63 -5.01 -5.24
CA ALA A 242 -0.39 -4.75 -4.22
C ALA A 242 -1.17 -3.48 -4.53
N ILE A 243 -0.47 -2.41 -4.90
CA ILE A 243 -1.13 -1.14 -5.22
C ILE A 243 -2.05 -1.30 -6.42
N ILE A 244 -1.59 -2.00 -7.44
CA ILE A 244 -2.43 -2.21 -8.62
C ILE A 244 -3.69 -3.03 -8.30
N GLU A 245 -3.58 -4.02 -7.40
CA GLU A 245 -4.77 -4.78 -7.04
C GLU A 245 -5.81 -3.85 -6.42
N MET A 246 -5.33 -2.89 -5.61
CA MET A 246 -6.21 -1.90 -4.99
C MET A 246 -6.83 -0.97 -6.03
N ALA A 247 -5.98 -0.43 -6.90
CA ALA A 247 -6.43 0.51 -7.93
C ALA A 247 -7.43 -0.15 -8.87
N GLU A 248 -7.16 -1.41 -9.23
CA GLU A 248 -8.05 -2.18 -10.10
C GLU A 248 -9.44 -2.40 -9.49
N SER A 249 -9.48 -2.68 -8.18
CA SER A 249 -10.76 -2.89 -7.51
C SER A 249 -11.64 -1.65 -7.59
N TYR A 250 -11.01 -0.49 -7.47
CA TYR A 250 -11.71 0.79 -7.60
C TYR A 250 -12.19 1.01 -9.04
N LEU A 251 -11.25 0.93 -9.98
CA LEU A 251 -11.54 1.24 -11.38
C LEU A 251 -12.63 0.34 -12.00
N LYS A 252 -12.62 -0.94 -11.65
CA LYS A 252 -13.57 -1.90 -12.20
C LYS A 252 -14.74 -2.26 -11.28
N ASP A 253 -14.88 -1.53 -10.17
CA ASP A 253 -15.96 -1.78 -9.20
C ASP A 253 -16.02 -3.25 -8.80
N LEU A 254 -14.88 -3.80 -8.42
CA LEU A 254 -14.80 -5.20 -8.01
C LEU A 254 -15.37 -5.48 -6.61
N LYS A 255 -15.32 -4.47 -5.75
CA LYS A 255 -15.75 -4.60 -4.35
C LYS A 255 -14.97 -5.67 -3.55
N LYS A 256 -13.67 -5.76 -3.81
CA LYS A 256 -12.81 -6.68 -3.09
C LYS A 256 -12.62 -6.20 -1.66
N VAL A 257 -12.51 -7.15 -0.73
CA VAL A 257 -12.18 -6.85 0.66
C VAL A 257 -10.64 -6.84 0.70
N LEU A 258 -10.05 -5.69 1.01
CA LEU A 258 -8.59 -5.55 0.99
C LEU A 258 -8.17 -4.72 2.21
N ILE A 259 -7.10 -5.11 2.91
CA ILE A 259 -6.68 -4.37 4.11
C ILE A 259 -5.83 -3.17 3.72
N CYS A 260 -6.29 -1.98 4.08
CA CYS A 260 -5.63 -0.74 3.71
C CYS A 260 -5.69 0.23 4.87
N SER A 261 -4.86 1.28 4.81
CA SER A 261 -4.90 2.33 5.81
C SER A 261 -6.05 3.30 5.49
N THR A 262 -6.93 3.51 6.45
CA THR A 262 -8.12 4.34 6.23
C THR A 262 -8.44 5.10 7.50
N LEU A 263 -9.21 6.18 7.38
CA LEU A 263 -9.59 6.98 8.54
C LEU A 263 -10.49 6.19 9.49
N LEU A 264 -10.05 6.08 10.74
CA LEU A 264 -10.84 5.41 11.77
C LEU A 264 -11.77 6.42 12.45
N GLU A 265 -13.02 6.03 12.67
CA GLU A 265 -14.00 6.90 13.30
C GLU A 265 -14.67 6.21 14.49
N GLY A 266 -13.88 5.50 15.29
CA GLY A 266 -14.42 4.79 16.44
C GLY A 266 -14.14 3.29 16.40
N GLN A 267 -13.79 2.78 15.23
CA GLN A 267 -13.47 1.35 15.14
C GLN A 267 -12.28 1.04 16.03
N TYR A 268 -12.35 -0.07 16.75
CA TYR A 268 -11.29 -0.50 17.66
C TYR A 268 -11.10 0.52 18.77
N GLY A 269 -12.05 1.42 18.93
CA GLY A 269 -11.97 2.46 19.95
C GLY A 269 -11.19 3.69 19.52
N HIS A 270 -10.75 3.73 18.27
CA HIS A 270 -9.94 4.84 17.76
C HIS A 270 -10.62 5.79 16.79
N SER A 271 -10.31 7.07 16.92
CA SER A 271 -10.80 8.10 16.02
C SER A 271 -9.66 9.08 15.67
N ASP A 272 -9.87 9.86 14.61
CA ASP A 272 -8.94 10.94 14.21
C ASP A 272 -7.53 10.47 13.84
N ILE A 273 -7.43 9.28 13.27
CA ILE A 273 -6.15 8.72 12.89
C ILE A 273 -6.43 7.71 11.81
N PHE A 274 -5.45 7.43 10.95
CA PHE A 274 -5.59 6.36 9.95
C PHE A 274 -4.92 5.11 10.49
N GLY A 275 -5.49 3.95 10.19
CA GLY A 275 -4.90 2.69 10.60
C GLY A 275 -5.35 1.60 9.64
N GLY A 276 -4.62 0.49 9.63
CA GLY A 276 -4.91 -0.62 8.73
C GLY A 276 -6.05 -1.52 9.18
N THR A 277 -7.01 -1.73 8.28
CA THR A 277 -8.16 -2.58 8.54
C THR A 277 -8.78 -3.00 7.21
N PRO A 278 -9.44 -4.15 7.16
CA PRO A 278 -10.13 -4.55 5.93
C PRO A 278 -11.17 -3.50 5.52
N VAL A 279 -11.15 -3.13 4.24
CA VAL A 279 -12.15 -2.25 3.67
C VAL A 279 -12.64 -2.85 2.36
N VAL A 280 -13.78 -2.35 1.86
CA VAL A 280 -14.28 -2.81 0.57
C VAL A 280 -14.05 -1.70 -0.45
N LEU A 281 -13.33 -2.00 -1.52
CA LEU A 281 -13.02 -0.97 -2.53
C LEU A 281 -13.81 -1.18 -3.82
N GLY A 282 -14.59 -0.16 -4.18
CA GLY A 282 -15.39 -0.20 -5.40
C GLY A 282 -15.48 1.17 -6.04
N ALA A 283 -16.45 1.33 -6.94
CA ALA A 283 -16.65 2.58 -7.68
C ALA A 283 -16.73 3.83 -6.81
N ASN A 284 -17.28 3.71 -5.61
CA ASN A 284 -17.43 4.86 -4.72
C ASN A 284 -16.28 5.01 -3.72
N GLY A 285 -15.17 4.36 -4.03
CA GLY A 285 -14.00 4.41 -3.17
C GLY A 285 -14.09 3.40 -2.05
N VAL A 286 -13.87 3.86 -0.83
CA VAL A 286 -14.00 3.03 0.36
C VAL A 286 -15.49 2.93 0.63
N GLU A 287 -16.08 1.82 0.21
CA GLU A 287 -17.52 1.66 0.33
C GLU A 287 -17.93 1.17 1.71
N GLN A 288 -17.04 0.41 2.34
CA GLN A 288 -17.29 -0.15 3.66
C GLN A 288 -15.99 -0.20 4.45
N VAL A 289 -16.06 0.11 5.74
CA VAL A 289 -14.90 -0.09 6.62
C VAL A 289 -15.31 -1.22 7.55
N ILE A 290 -14.60 -2.35 7.47
CA ILE A 290 -14.92 -3.50 8.29
C ILE A 290 -14.10 -3.53 9.58
N GLU A 291 -14.80 -3.61 10.70
CA GLU A 291 -14.15 -3.69 12.01
C GLU A 291 -14.10 -5.13 12.50
N LEU A 292 -12.89 -5.67 12.63
CA LEU A 292 -12.73 -7.04 13.12
C LEU A 292 -13.11 -7.05 14.58
N GLN A 293 -13.77 -8.11 15.02
CA GLN A 293 -14.19 -8.22 16.42
C GLN A 293 -13.05 -8.83 17.24
N LEU A 294 -12.01 -8.01 17.40
CA LEU A 294 -10.78 -8.39 18.10
C LEU A 294 -11.01 -8.64 19.58
N ASN A 295 -10.24 -9.56 20.16
CA ASN A 295 -10.26 -9.77 21.60
C ASN A 295 -9.35 -8.74 22.30
N SER A 296 -9.30 -8.77 23.62
CA SER A 296 -8.55 -7.72 24.33
C SER A 296 -7.05 -7.79 24.08
N GLU A 297 -6.54 -9.01 23.92
CA GLU A 297 -5.12 -9.19 23.67
C GLU A 297 -4.75 -8.63 22.29
N GLU A 298 -5.62 -8.87 21.31
CA GLU A 298 -5.40 -8.36 19.96
C GLU A 298 -5.55 -6.83 19.95
N LYS A 299 -6.54 -6.33 20.69
CA LYS A 299 -6.76 -4.89 20.79
C LYS A 299 -5.57 -4.17 21.40
N ALA A 300 -4.93 -4.80 22.38
CA ALA A 300 -3.76 -4.21 23.01
C ALA A 300 -2.66 -4.00 21.98
N LYS A 301 -2.47 -4.97 21.09
CA LYS A 301 -1.46 -4.84 20.04
C LYS A 301 -1.84 -3.77 19.02
N PHE A 302 -3.14 -3.69 18.71
CA PHE A 302 -3.62 -2.66 17.79
C PHE A 302 -3.32 -1.29 18.39
N ASP A 303 -3.55 -1.14 19.68
CA ASP A 303 -3.29 0.13 20.37
C ASP A 303 -1.81 0.53 20.26
N GLU A 304 -0.92 -0.45 20.40
CA GLU A 304 0.52 -0.19 20.28
C GLU A 304 0.88 0.36 18.90
N ALA A 305 0.28 -0.24 17.87
CA ALA A 305 0.50 0.23 16.50
C ALA A 305 0.03 1.68 16.29
N ILE A 306 -1.18 1.99 16.75
CA ILE A 306 -1.72 3.33 16.61
C ILE A 306 -0.85 4.34 17.36
N ALA A 307 -0.38 3.97 18.55
CA ALA A 307 0.48 4.86 19.36
C ALA A 307 1.76 5.24 18.63
N GLU A 308 2.32 4.31 17.88
CA GLU A 308 3.52 4.57 17.10
C GLU A 308 3.22 5.53 15.93
N THR A 309 2.06 5.36 15.30
CA THR A 309 1.66 6.27 14.23
C THR A 309 1.53 7.69 14.80
N LYS A 310 0.89 7.79 15.97
CA LYS A 310 0.72 9.09 16.63
C LYS A 310 2.03 9.74 17.03
N ARG A 311 2.97 8.93 17.51
CA ARG A 311 4.29 9.43 17.89
C ARG A 311 5.00 10.08 16.69
N MET A 312 5.00 9.38 15.56
CA MET A 312 5.64 9.90 14.36
C MET A 312 4.89 11.06 13.73
N LYS A 313 3.58 11.07 13.89
CA LYS A 313 2.76 12.14 13.36
C LYS A 313 3.18 13.44 14.01
N ALA A 314 3.43 13.39 15.32
CA ALA A 314 3.82 14.57 16.08
C ALA A 314 5.18 15.13 15.65
N LEU A 315 6.09 14.24 15.28
CA LEU A 315 7.43 14.64 14.85
C LEU A 315 7.42 15.22 13.43
N ALA A 316 6.41 14.87 12.65
CA ALA A 316 6.30 15.36 11.28
C ALA A 316 5.81 16.80 11.25
N HIS A 317 5.22 17.22 12.36
CA HIS A 317 4.71 18.58 12.50
C HIS A 317 5.74 19.48 13.17
PA NAI B . 12.26 5.50 -5.34
O1A NAI B . 13.32 6.30 -4.68
O2A NAI B . 12.80 4.54 -6.40
O5B NAI B . 11.20 6.53 -6.01
C5B NAI B . 10.82 7.73 -5.37
C4B NAI B . 10.71 8.83 -6.43
O4B NAI B . 10.02 9.97 -5.96
C3B NAI B . 12.08 9.33 -6.91
O3B NAI B . 12.17 9.12 -8.31
C2B NAI B . 12.08 10.82 -6.59
O2B NAI B . 12.79 11.54 -7.58
C1B NAI B . 10.59 11.11 -6.58
N9A NAI B . 10.14 12.35 -5.94
C8A NAI B . 10.70 13.07 -4.89
N7A NAI B . 9.92 14.16 -4.66
C5A NAI B . 8.88 14.16 -5.53
C6A NAI B . 7.79 15.01 -5.75
N6A NAI B . 7.60 16.12 -5.03
N1A NAI B . 6.90 14.70 -6.74
C2A NAI B . 7.06 13.58 -7.53
N3A NAI B . 8.14 12.75 -7.31
C4A NAI B . 9.02 13.03 -6.33
O3 NAI B . 11.41 4.78 -4.18
PN NAI B . 10.38 3.56 -4.36
O1N NAI B . 11.12 2.28 -4.20
O2N NAI B . 9.58 3.76 -5.59
O5D NAI B . 9.49 3.76 -3.03
C5D NAI B . 8.74 4.95 -2.86
C4D NAI B . 8.24 5.16 -1.43
O4D NAI B . 7.31 4.15 -1.10
C3D NAI B . 9.33 5.10 -0.34
O3D NAI B . 9.04 6.04 0.68
C2D NAI B . 9.13 3.73 0.28
O2D NAI B . 9.54 3.71 1.64
C1D NAI B . 7.63 3.61 0.17
N1N NAI B . 7.14 2.21 0.24
C2N NAI B . 5.99 1.98 0.92
C3N NAI B . 5.48 0.70 1.01
C7N NAI B . 4.12 0.53 1.64
O7N NAI B . 3.66 -0.78 1.93
N7N NAI B . 3.37 1.61 1.90
C4N NAI B . 6.15 -0.35 0.40
C5N NAI B . 7.33 -0.10 -0.29
C6N NAI B . 7.83 1.20 -0.36
O13 GBD C . 7.23 -3.34 3.13
C1 GBD C . 7.91 -3.05 2.16
O11 GBD C . 7.96 -3.85 1.10
C3 GBD C . 8.72 -1.81 2.13
N2 GBD C . 9.88 -1.62 1.50
S1 GBD C . 10.51 -0.15 1.85
C4 GBD C . 8.35 -0.54 2.82
O4 GBD C . 7.12 -0.37 3.61
N5 GBD C . 9.22 0.45 2.67
#